data_3FYS
#
_entry.id   3FYS
#
_cell.length_a   42.1
_cell.length_b   84.7
_cell.length_c   42.2
_cell.angle_alpha   90.0
_cell.angle_beta   94.1
_cell.angle_gamma   90.0
#
_symmetry.space_group_name_H-M   'P 1 21 1'
#
loop_
_entity.id
_entity.type
_entity.pdbx_description
1 polymer 'Protein degV'
2 non-polymer 'PALMITIC ACID'
3 non-polymer 1,2-ETHANEDIOL
4 non-polymer 'BROMIDE ION'
5 water water
#
_entity_poly.entity_id   1
_entity_poly.type   'polypeptide(L)'
_entity_poly.pdbx_seq_one_letter_code
;MGSSHHHHHHSSGLVPRGSHMASMTGGQQMGRGSMNIAVVTDSTAYIPKEMREQHQIHMIPLQVVFREETYREEIELDWK
SFYEEVKKHNELPTTSQPPIGELVALYEELGKSYDAVISIHLSSGISGTFSSAAAADSMVDNIDVYPFDSEISCLAQGFY
ALKAAELIKNGASSPEDIIKELEEMKKTVRAYFMVDDLAHLQRGGRLSSAQAFIGSLLKVKPILHFDNKVIVPFEKIRTR
KKAISRIYELLDEDASKGLPMRAAVIHANREEEAAKIIEELSAKYPHVEFYNSYFGAVIGTHLGEGALGICWCFK
;
_entity_poly.pdbx_strand_id   A
#
loop_
_chem_comp.id
_chem_comp.type
_chem_comp.name
_chem_comp.formula
BR non-polymer 'BROMIDE ION' 'Br -1'
EDO non-polymer 1,2-ETHANEDIOL 'C2 H6 O2'
PLM non-polymer 'PALMITIC ACID' 'C16 H32 O2'
#
# COMPACT_ATOMS: atom_id res chain seq x y z
N SER A 34 20.94 21.73 -2.26
CA SER A 34 20.32 22.83 -1.52
C SER A 34 19.45 22.33 -0.37
N MET A 35 18.14 22.23 -0.59
CA MET A 35 17.21 21.92 0.51
C MET A 35 17.11 20.45 0.93
N ASN A 36 16.85 20.26 2.23
CA ASN A 36 16.69 18.92 2.81
C ASN A 36 15.25 18.45 2.75
N ILE A 37 15.07 17.26 2.19
CA ILE A 37 13.75 16.70 1.97
C ILE A 37 13.63 15.39 2.74
N ALA A 38 12.64 15.34 3.63
CA ALA A 38 12.32 14.09 4.32
C ALA A 38 11.30 13.30 3.51
N VAL A 39 11.19 12.01 3.80
CA VAL A 39 10.20 11.15 3.17
C VAL A 39 9.34 10.48 4.25
N VAL A 40 8.03 10.61 4.10
CA VAL A 40 7.09 9.93 4.96
C VAL A 40 6.18 9.00 4.14
N THR A 41 5.76 7.91 4.75
CA THR A 41 4.69 7.09 4.21
C THR A 41 3.85 6.60 5.39
N ASP A 42 2.61 6.19 5.12
CA ASP A 42 1.79 5.67 6.20
C ASP A 42 2.08 4.18 6.36
N SER A 43 1.62 3.59 7.47
CA SER A 43 1.94 2.21 7.75
C SER A 43 1.54 1.23 6.64
N THR A 44 0.45 1.53 5.92
CA THR A 44 -0.13 0.57 4.98
C THR A 44 0.72 0.32 3.75
N ALA A 45 1.82 1.06 3.63
CA ALA A 45 2.84 0.78 2.61
C ALA A 45 3.56 -0.54 2.92
N TYR A 46 3.58 -0.91 4.20
CA TYR A 46 4.17 -2.16 4.69
C TYR A 46 5.63 -2.41 4.29
N ILE A 47 6.41 -1.35 4.30
CA ILE A 47 7.84 -1.44 4.09
C ILE A 47 8.46 -2.00 5.38
N PRO A 48 9.28 -3.06 5.26
CA PRO A 48 9.89 -3.61 6.47
C PRO A 48 10.66 -2.53 7.22
N LYS A 49 10.52 -2.54 8.54
CA LYS A 49 11.13 -1.50 9.38
C LYS A 49 12.64 -1.31 9.17
N GLU A 50 13.36 -2.41 8.97
CA GLU A 50 14.80 -2.35 8.70
C GLU A 50 15.10 -1.66 7.38
N MET A 51 14.19 -1.80 6.43
CA MET A 51 14.34 -1.23 5.09
C MET A 51 14.02 0.25 5.13
N ARG A 52 13.05 0.62 5.97
CA ARG A 52 12.75 2.03 6.18
C ARG A 52 13.92 2.77 6.82
N GLU A 53 14.62 2.09 7.73
CA GLU A 53 15.80 2.65 8.37
C GLU A 53 16.90 2.83 7.34
N GLN A 54 17.14 1.80 6.53
CA GLN A 54 18.09 1.89 5.43
C GLN A 54 17.84 3.13 4.59
N HIS A 55 16.58 3.40 4.28
CA HIS A 55 16.25 4.40 3.28
C HIS A 55 15.74 5.72 3.84
N GLN A 56 15.75 5.86 5.15
CA GLN A 56 15.40 7.13 5.76
C GLN A 56 13.94 7.45 5.57
N ILE A 57 13.10 6.43 5.69
CA ILE A 57 11.68 6.62 5.51
C ILE A 57 10.95 6.57 6.84
N HIS A 58 10.37 7.71 7.21
CA HIS A 58 9.56 7.80 8.42
C HIS A 58 8.17 7.28 8.13
N MET A 59 7.47 6.85 9.17
CA MET A 59 6.12 6.34 8.94
C MET A 59 5.09 6.65 10.03
N ILE A 60 3.89 6.97 9.56
CA ILE A 60 2.77 7.31 10.42
C ILE A 60 1.75 6.18 10.34
N PRO A 61 1.39 5.60 11.49
CA PRO A 61 0.55 4.40 11.49
C PRO A 61 -0.92 4.72 11.38
N LEU A 62 -1.65 3.83 10.71
CA LEU A 62 -3.10 3.85 10.80
C LEU A 62 -3.52 2.92 11.94
N GLN A 63 -4.80 2.98 12.30
CA GLN A 63 -5.25 2.24 13.47
C GLN A 63 -6.19 1.09 13.14
N VAL A 64 -6.02 -0.01 13.87
CA VAL A 64 -6.94 -1.13 13.83
C VAL A 64 -7.69 -1.18 15.17
N VAL A 65 -9.00 -1.16 15.08
CA VAL A 65 -9.84 -1.06 16.25
C VAL A 65 -10.46 -2.41 16.60
N PHE A 66 -10.19 -2.88 17.81
CA PHE A 66 -10.82 -4.08 18.33
C PHE A 66 -11.86 -3.71 19.38
N ARG A 67 -12.47 -4.71 20.01
CA ARG A 67 -13.54 -4.45 20.96
C ARG A 67 -13.05 -3.68 22.19
N GLU A 68 -11.96 -4.15 22.79
CA GLU A 68 -11.35 -3.41 23.89
C GLU A 68 -10.36 -2.38 23.35
N GLU A 69 -9.40 -2.85 22.57
CA GLU A 69 -8.23 -2.06 22.24
C GLU A 69 -8.16 -1.59 20.79
N THR A 70 -7.59 -0.41 20.60
CA THR A 70 -7.23 0.07 19.28
C THR A 70 -5.70 0.16 19.18
N TYR A 71 -5.13 -0.44 18.13
CA TYR A 71 -3.66 -0.45 17.96
C TYR A 71 -3.18 0.39 16.79
N ARG A 72 -1.95 0.89 16.91
CA ARG A 72 -1.23 1.43 15.77
C ARG A 72 -0.55 0.28 15.07
N GLU A 73 -0.97 -0.01 13.84
CA GLU A 73 -0.49 -1.18 13.12
C GLU A 73 1.02 -1.14 12.86
N GLU A 74 1.61 -2.32 12.77
CA GLU A 74 3.03 -2.48 12.48
C GLU A 74 3.89 -2.20 13.70
N ILE A 75 3.71 -1.03 14.31
CA ILE A 75 4.36 -0.74 15.57
C ILE A 75 3.79 -1.56 16.73
N GLU A 76 2.48 -1.48 16.94
CA GLU A 76 1.85 -2.15 18.08
C GLU A 76 1.17 -3.47 17.75
N LEU A 77 1.02 -3.79 16.47
CA LEU A 77 0.43 -5.05 16.06
C LEU A 77 1.00 -5.50 14.71
N ASP A 78 1.73 -6.62 14.72
CA ASP A 78 2.27 -7.24 13.51
C ASP A 78 1.20 -8.06 12.79
N TRP A 79 1.49 -8.52 11.59
CA TRP A 79 0.47 -9.17 10.78
C TRP A 79 0.08 -10.57 11.25
N LYS A 80 1.03 -11.35 11.77
CA LYS A 80 0.64 -12.67 12.29
C LYS A 80 -0.24 -12.54 13.54
N SER A 81 0.08 -11.60 14.41
CA SER A 81 -0.75 -11.35 15.60
C SER A 81 -2.14 -10.89 15.20
N PHE A 82 -2.22 -10.08 14.16
CA PHE A 82 -3.53 -9.62 13.70
C PHE A 82 -4.43 -10.79 13.33
N TYR A 83 -3.98 -11.63 12.41
CA TYR A 83 -4.82 -12.73 11.91
C TYR A 83 -5.09 -13.76 13.00
N GLU A 84 -4.17 -13.85 13.95
CA GLU A 84 -4.28 -14.76 15.07
C GLU A 84 -5.33 -14.24 16.06
N GLU A 85 -5.20 -12.97 16.41
CA GLU A 85 -6.14 -12.29 17.30
C GLU A 85 -7.56 -12.32 16.77
N VAL A 86 -7.71 -12.13 15.46
CA VAL A 86 -9.03 -12.01 14.86
C VAL A 86 -9.80 -13.34 14.89
N LYS A 87 -9.12 -14.43 14.58
CA LYS A 87 -9.79 -15.72 14.49
C LYS A 87 -10.00 -16.33 15.87
N LYS A 88 -9.12 -16.01 16.80
CA LYS A 88 -9.24 -16.55 18.14
C LYS A 88 -9.86 -15.57 19.12
N HIS A 89 -10.74 -14.72 18.60
CA HIS A 89 -11.55 -13.84 19.43
C HIS A 89 -12.78 -13.41 18.67
N ASN A 90 -12.97 -14.01 17.49
CA ASN A 90 -14.05 -13.60 16.59
C ASN A 90 -14.17 -12.09 16.55
N GLU A 91 -13.08 -11.43 16.19
CA GLU A 91 -13.04 -9.98 16.09
C GLU A 91 -13.63 -9.55 14.76
N LEU A 92 -14.35 -8.44 14.76
CA LEU A 92 -14.75 -7.78 13.53
C LEU A 92 -14.12 -6.41 13.51
N PRO A 93 -12.80 -6.35 13.30
CA PRO A 93 -12.07 -5.09 13.41
C PRO A 93 -12.54 -4.03 12.42
N THR A 94 -12.38 -2.77 12.82
CA THR A 94 -12.53 -1.66 11.90
C THR A 94 -11.22 -0.90 11.90
N THR A 95 -11.10 0.06 10.99
CA THR A 95 -9.84 0.79 10.85
C THR A 95 -10.06 2.28 10.94
N SER A 96 -8.99 3.01 11.18
CA SER A 96 -9.04 4.45 11.25
C SER A 96 -7.77 5.04 10.65
N GLN A 97 -7.90 6.21 10.04
CA GLN A 97 -6.72 6.96 9.59
C GLN A 97 -5.93 7.46 10.80
N PRO A 98 -4.73 8.00 10.59
CA PRO A 98 -4.03 8.55 11.75
C PRO A 98 -4.70 9.83 12.21
N PRO A 99 -4.72 10.06 13.52
CA PRO A 99 -5.22 11.32 14.09
C PRO A 99 -4.43 12.49 13.52
N ILE A 100 -5.11 13.53 13.08
CA ILE A 100 -4.42 14.67 12.49
C ILE A 100 -3.35 15.19 13.43
N GLY A 101 -3.59 15.05 14.72
CA GLY A 101 -2.62 15.46 15.73
C GLY A 101 -1.27 14.77 15.57
N GLU A 102 -1.29 13.48 15.24
CA GLU A 102 -0.05 12.72 15.10
C GLU A 102 0.68 13.05 13.83
N LEU A 103 -0.06 13.42 12.78
CA LEU A 103 0.59 13.84 11.54
C LEU A 103 1.35 15.13 11.80
N VAL A 104 0.65 16.08 12.40
CA VAL A 104 1.23 17.36 12.73
C VAL A 104 2.49 17.22 13.59
N ALA A 105 2.42 16.42 14.62
CA ALA A 105 3.57 16.19 15.49
C ALA A 105 4.78 15.63 14.74
N LEU A 106 4.53 14.73 13.80
CA LEU A 106 5.60 14.12 13.02
C LEU A 106 6.26 15.16 12.11
N TYR A 107 5.43 15.97 11.45
CA TYR A 107 5.92 17.03 10.58
C TYR A 107 6.69 18.10 11.35
N GLU A 108 6.14 18.55 12.47
CA GLU A 108 6.82 19.53 13.33
C GLU A 108 8.17 19.01 13.77
N GLU A 109 8.24 17.74 14.14
CA GLU A 109 9.51 17.17 14.55
C GLU A 109 10.44 17.14 13.35
N LEU A 110 9.97 16.53 12.27
CA LEU A 110 10.72 16.48 11.01
C LEU A 110 11.26 17.84 10.57
N GLY A 111 10.44 18.87 10.72
CA GLY A 111 10.77 20.21 10.25
C GLY A 111 11.93 20.89 10.96
N LYS A 112 12.39 20.31 12.07
CA LYS A 112 13.55 20.83 12.75
C LYS A 112 14.83 20.56 11.98
N SER A 113 14.80 19.61 11.04
CA SER A 113 15.99 19.24 10.28
C SER A 113 15.76 19.25 8.77
N TYR A 114 14.50 19.38 8.35
CA TYR A 114 14.17 19.33 6.94
C TYR A 114 13.33 20.53 6.51
N ASP A 115 13.46 20.91 5.25
CA ASP A 115 12.68 21.99 4.67
C ASP A 115 11.37 21.49 4.11
N ALA A 116 11.38 20.27 3.56
CA ALA A 116 10.18 19.70 2.97
C ALA A 116 10.05 18.20 3.25
N VAL A 117 8.82 17.71 3.27
CA VAL A 117 8.53 16.28 3.38
C VAL A 117 7.71 15.79 2.19
N ILE A 118 8.22 14.76 1.53
CA ILE A 118 7.40 13.98 0.62
C ILE A 118 6.54 13.03 1.46
N SER A 119 5.24 13.28 1.50
CA SER A 119 4.35 12.46 2.32
C SER A 119 3.48 11.54 1.47
N ILE A 120 3.82 10.26 1.44
CA ILE A 120 3.19 9.31 0.52
C ILE A 120 2.11 8.44 1.17
N HIS A 121 0.94 8.37 0.57
CA HIS A 121 -0.18 7.71 1.24
C HIS A 121 -1.03 6.80 0.37
N LEU A 122 -1.81 5.95 1.04
CA LEU A 122 -2.77 5.08 0.37
C LEU A 122 -3.81 5.94 -0.35
N SER A 123 -4.51 5.36 -1.31
CA SER A 123 -5.42 6.11 -2.15
C SER A 123 -6.37 7.03 -1.39
N SER A 124 -6.54 8.25 -1.91
CA SER A 124 -7.52 9.18 -1.39
C SER A 124 -8.96 8.67 -1.51
N GLY A 125 -9.16 7.66 -2.35
CA GLY A 125 -10.47 7.08 -2.57
C GLY A 125 -10.81 5.99 -1.56
N ILE A 126 -9.81 5.54 -0.80
CA ILE A 126 -10.07 4.52 0.21
C ILE A 126 -9.80 4.99 1.65
N SER A 127 -9.23 6.19 1.80
CA SER A 127 -8.91 6.73 3.11
C SER A 127 -8.80 8.26 3.08
N GLY A 128 -9.18 8.89 4.19
CA GLY A 128 -8.98 10.31 4.38
C GLY A 128 -7.56 10.71 4.77
N THR A 129 -6.67 9.73 4.94
CA THR A 129 -5.28 9.98 5.30
C THR A 129 -4.60 11.02 4.40
N PHE A 130 -4.66 10.80 3.07
CA PHE A 130 -4.07 11.74 2.11
C PHE A 130 -4.47 13.19 2.36
N SER A 131 -5.78 13.44 2.44
CA SER A 131 -6.31 14.78 2.64
C SER A 131 -6.00 15.38 4.01
N SER A 132 -5.67 14.52 4.97
CA SER A 132 -5.25 14.99 6.30
C SER A 132 -3.80 15.44 6.28
N ALA A 133 -2.99 14.79 5.43
CA ALA A 133 -1.61 15.20 5.22
C ALA A 133 -1.58 16.59 4.57
N ALA A 134 -2.45 16.79 3.60
CA ALA A 134 -2.58 18.08 2.93
C ALA A 134 -3.05 19.17 3.89
N ALA A 135 -4.06 18.86 4.70
CA ALA A 135 -4.61 19.81 5.65
C ALA A 135 -3.66 20.08 6.82
N ALA A 136 -2.77 19.12 7.09
CA ALA A 136 -1.77 19.25 8.15
C ALA A 136 -0.64 20.20 7.77
N ASP A 137 -0.57 20.56 6.49
CA ASP A 137 0.49 21.41 5.97
C ASP A 137 0.32 22.85 6.41
N SER A 138 -0.94 23.28 6.53
CA SER A 138 -1.23 24.64 6.97
C SER A 138 -1.18 24.73 8.49
N MET A 139 -0.89 23.60 9.12
CA MET A 139 -0.88 23.54 10.58
C MET A 139 0.53 23.44 11.10
N VAL A 140 1.48 23.42 10.18
CA VAL A 140 2.90 23.36 10.53
C VAL A 140 3.66 24.47 9.81
N ASP A 141 4.47 25.20 10.56
CA ASP A 141 5.18 26.36 10.02
C ASP A 141 6.55 26.01 9.49
N ASN A 142 7.25 25.11 10.18
CA ASN A 142 8.67 24.85 9.92
C ASN A 142 9.00 23.85 8.81
N ILE A 143 8.00 23.35 8.10
CA ILE A 143 8.25 22.41 7.01
C ILE A 143 7.16 22.48 5.93
N ASP A 144 7.54 22.21 4.69
CA ASP A 144 6.58 22.15 3.59
C ASP A 144 6.21 20.70 3.31
N VAL A 145 4.93 20.38 3.45
CA VAL A 145 4.43 19.03 3.18
C VAL A 145 4.01 18.88 1.72
N TYR A 146 4.52 17.85 1.07
CA TYR A 146 4.11 17.51 -0.30
C TYR A 146 3.36 16.17 -0.28
N PRO A 147 2.04 16.22 -0.07
CA PRO A 147 1.26 14.99 -0.01
C PRO A 147 1.22 14.34 -1.38
N PHE A 148 1.43 13.03 -1.43
CA PHE A 148 1.34 12.32 -2.68
C PHE A 148 0.29 11.22 -2.56
N ASP A 149 -0.69 11.25 -3.46
CA ASP A 149 -1.71 10.24 -3.49
C ASP A 149 -1.19 9.09 -4.35
N SER A 150 -0.87 7.97 -3.73
CA SER A 150 -0.33 6.82 -4.44
C SER A 150 -1.44 6.08 -5.17
N GLU A 151 -2.69 6.42 -4.86
CA GLU A 151 -3.86 5.82 -5.49
C GLU A 151 -3.85 4.29 -5.36
N ILE A 152 -3.18 3.82 -4.33
CA ILE A 152 -3.02 2.39 -4.12
C ILE A 152 -2.73 2.14 -2.64
N SER A 153 -2.15 1.00 -2.31
CA SER A 153 -1.69 0.77 -0.95
C SER A 153 -0.69 -0.34 -0.95
N CYS A 154 -0.31 -0.79 0.24
CA CYS A 154 0.65 -1.89 0.41
C CYS A 154 2.00 -1.57 -0.23
N LEU A 155 2.78 -2.60 -0.58
CA LEU A 155 4.14 -2.38 -1.04
C LEU A 155 4.20 -1.66 -2.39
N ALA A 156 3.09 -1.67 -3.13
CA ALA A 156 3.00 -0.90 -4.37
C ALA A 156 3.15 0.57 -4.03
N GLN A 157 2.52 0.98 -2.93
CA GLN A 157 2.67 2.32 -2.36
C GLN A 157 4.06 2.49 -1.73
N GLY A 158 4.58 1.41 -1.15
CA GLY A 158 5.93 1.39 -0.65
C GLY A 158 6.94 1.77 -1.72
N PHE A 159 6.72 1.29 -2.94
CA PHE A 159 7.64 1.51 -4.05
C PHE A 159 7.87 2.98 -4.34
N TYR A 160 6.84 3.79 -4.16
CA TYR A 160 6.97 5.23 -4.34
C TYR A 160 7.92 5.86 -3.31
N ALA A 161 7.89 5.34 -2.09
CA ALA A 161 8.75 5.85 -1.02
C ALA A 161 10.21 5.45 -1.23
N LEU A 162 10.43 4.25 -1.75
CA LEU A 162 11.77 3.80 -2.13
C LEU A 162 12.37 4.68 -3.23
N LYS A 163 11.58 4.91 -4.28
CA LYS A 163 11.99 5.80 -5.36
C LYS A 163 12.29 7.20 -4.86
N ALA A 164 11.45 7.70 -3.98
CA ALA A 164 11.65 9.05 -3.45
C ALA A 164 12.96 9.14 -2.67
N ALA A 165 13.24 8.10 -1.89
CA ALA A 165 14.45 8.06 -1.08
C ALA A 165 15.68 7.92 -1.97
N GLU A 166 15.55 7.11 -3.00
CA GLU A 166 16.64 6.90 -3.94
C GLU A 166 16.96 8.20 -4.64
N LEU A 167 15.93 8.92 -5.08
CA LEU A 167 16.11 10.20 -5.75
C LEU A 167 16.81 11.18 -4.84
N ILE A 168 16.38 11.18 -3.58
CA ILE A 168 16.93 12.07 -2.58
C ILE A 168 18.39 11.71 -2.29
N LYS A 169 18.69 10.42 -2.31
CA LYS A 169 20.06 9.96 -2.07
C LYS A 169 21.00 10.41 -3.19
N ASN A 170 20.50 10.42 -4.42
CA ASN A 170 21.30 10.81 -5.57
C ASN A 170 21.30 12.32 -5.81
N GLY A 171 20.87 13.08 -4.82
CA GLY A 171 20.93 14.53 -4.89
C GLY A 171 19.74 15.21 -5.54
N ALA A 172 18.58 14.55 -5.51
CA ALA A 172 17.34 15.22 -5.88
C ALA A 172 17.11 16.33 -4.86
N SER A 173 17.06 17.57 -5.31
CA SER A 173 17.00 18.69 -4.38
C SER A 173 15.72 19.50 -4.52
N SER A 174 14.90 19.13 -5.49
CA SER A 174 13.60 19.75 -5.67
C SER A 174 12.49 18.79 -5.25
N PRO A 175 11.62 19.20 -4.32
CA PRO A 175 10.50 18.33 -3.95
C PRO A 175 9.58 18.17 -5.16
N GLU A 176 9.48 19.22 -5.95
CA GLU A 176 8.62 19.22 -7.13
C GLU A 176 9.09 18.20 -8.16
N ASP A 177 10.40 18.18 -8.40
CA ASP A 177 10.98 17.23 -9.35
C ASP A 177 10.75 15.80 -8.92
N ILE A 178 10.83 15.56 -7.61
CA ILE A 178 10.56 14.24 -7.06
C ILE A 178 9.10 13.82 -7.28
N ILE A 179 8.17 14.73 -7.03
CA ILE A 179 6.74 14.50 -7.28
C ILE A 179 6.48 14.21 -8.76
N LYS A 180 7.06 15.01 -9.64
CA LYS A 180 6.95 14.77 -11.09
C LYS A 180 7.39 13.36 -11.43
N GLU A 181 8.49 12.96 -10.80
CA GLU A 181 9.06 11.62 -10.98
C GLU A 181 8.07 10.55 -10.56
N LEU A 182 7.44 10.75 -9.40
CA LEU A 182 6.50 9.79 -8.84
C LEU A 182 5.26 9.67 -9.72
N GLU A 183 4.76 10.80 -10.21
CA GLU A 183 3.55 10.81 -11.04
C GLU A 183 3.79 10.07 -12.36
N GLU A 184 5.00 10.18 -12.91
CA GLU A 184 5.37 9.45 -14.10
C GLU A 184 5.43 7.95 -13.82
N MET A 185 6.05 7.59 -12.70
CA MET A 185 6.15 6.21 -12.26
C MET A 185 4.78 5.57 -12.04
N LYS A 186 3.83 6.38 -11.58
CA LYS A 186 2.45 5.93 -11.36
C LYS A 186 1.78 5.40 -12.64
N LYS A 187 2.27 5.85 -13.78
CA LYS A 187 1.72 5.46 -15.07
C LYS A 187 1.86 3.96 -15.32
N THR A 188 2.86 3.34 -14.72
CA THR A 188 3.16 1.95 -15.02
C THR A 188 3.11 1.03 -13.80
N VAL A 189 2.78 1.58 -12.64
CA VAL A 189 2.50 0.77 -11.46
C VAL A 189 1.23 -0.03 -11.71
N ARG A 190 1.26 -1.33 -11.43
CA ARG A 190 0.10 -2.20 -11.57
C ARG A 190 -0.09 -3.08 -10.35
N ALA A 191 -1.34 -3.35 -10.01
CA ALA A 191 -1.67 -4.27 -8.94
C ALA A 191 -2.99 -5.02 -9.21
N TYR A 192 -2.97 -6.32 -9.00
CA TYR A 192 -4.16 -7.16 -9.10
C TYR A 192 -4.20 -8.04 -7.87
N PHE A 193 -5.38 -8.19 -7.27
CA PHE A 193 -5.50 -8.97 -6.05
C PHE A 193 -6.84 -9.73 -5.94
N MET A 194 -6.85 -10.73 -5.07
CA MET A 194 -8.05 -11.52 -4.86
C MET A 194 -8.24 -11.67 -3.36
N VAL A 195 -9.47 -11.95 -2.95
CA VAL A 195 -9.80 -12.17 -1.55
C VAL A 195 -10.39 -13.56 -1.39
N ASP A 196 -10.35 -14.09 -0.17
CA ASP A 196 -10.95 -15.38 0.12
C ASP A 196 -12.44 -15.24 0.32
N ASP A 197 -12.82 -14.25 1.12
CA ASP A 197 -14.22 -13.97 1.40
C ASP A 197 -14.48 -12.51 1.09
N LEU A 198 -15.51 -12.27 0.27
CA LEU A 198 -15.82 -10.94 -0.20
C LEU A 198 -16.41 -10.12 0.95
N ALA A 199 -16.77 -10.80 2.03
CA ALA A 199 -17.50 -10.19 3.13
C ALA A 199 -16.73 -9.08 3.86
N HIS A 200 -15.42 -9.26 3.99
CA HIS A 200 -14.56 -8.26 4.64
C HIS A 200 -14.58 -6.93 3.91
N LEU A 201 -14.37 -6.96 2.59
CA LEU A 201 -14.44 -5.74 1.79
C LEU A 201 -15.83 -5.11 1.86
N GLN A 202 -16.87 -5.94 1.72
CA GLN A 202 -18.24 -5.47 1.81
C GLN A 202 -18.45 -4.71 3.11
N ARG A 203 -17.91 -5.27 4.18
CA ARG A 203 -18.09 -4.73 5.53
C ARG A 203 -17.38 -3.40 5.75
N GLY A 204 -16.18 -3.26 5.20
CA GLY A 204 -15.39 -2.05 5.36
C GLY A 204 -15.81 -0.89 4.47
N GLY A 205 -16.60 -1.17 3.43
CA GLY A 205 -17.21 -0.12 2.63
C GLY A 205 -16.48 0.29 1.36
N ARG A 206 -15.32 -0.31 1.12
CA ARG A 206 -14.46 0.10 0.01
C ARG A 206 -14.80 -0.55 -1.32
N LEU A 207 -15.94 -1.25 -1.35
CA LEU A 207 -16.52 -1.74 -2.58
C LEU A 207 -17.78 -0.94 -2.94
N SER A 208 -18.01 0.15 -2.20
CA SER A 208 -19.20 0.98 -2.40
C SER A 208 -19.26 1.61 -3.78
N SER A 209 -18.22 2.37 -4.13
CA SER A 209 -18.09 2.96 -5.46
C SER A 209 -18.36 1.95 -6.56
N ALA A 210 -17.58 0.88 -6.59
CA ALA A 210 -17.74 -0.17 -7.59
C ALA A 210 -19.20 -0.60 -7.69
N GLN A 211 -19.79 -0.94 -6.54
CA GLN A 211 -21.15 -1.44 -6.51
C GLN A 211 -22.18 -0.36 -6.85
N ALA A 212 -21.85 0.89 -6.51
CA ALA A 212 -22.66 2.01 -6.94
C ALA A 212 -22.69 2.11 -8.48
N PHE A 213 -21.57 1.78 -9.13
CA PHE A 213 -21.50 1.81 -10.58
C PHE A 213 -22.14 0.56 -11.23
N ILE A 214 -21.86 -0.63 -10.69
CA ILE A 214 -22.49 -1.86 -11.15
C ILE A 214 -24.01 -1.79 -11.01
N GLY A 215 -24.48 -0.98 -10.07
CA GLY A 215 -25.90 -0.85 -9.79
C GLY A 215 -26.44 -1.90 -8.83
N SER A 216 -25.59 -2.83 -8.42
CA SER A 216 -26.00 -3.87 -7.48
C SER A 216 -24.85 -4.46 -6.69
N LEU A 217 -25.11 -5.61 -6.08
CA LEU A 217 -24.21 -6.16 -5.08
C LEU A 217 -23.28 -7.21 -5.66
N LEU A 218 -21.99 -7.10 -5.37
CA LEU A 218 -21.02 -8.08 -5.82
C LEU A 218 -21.12 -9.39 -5.02
N LYS A 219 -21.44 -10.47 -5.73
CA LYS A 219 -21.62 -11.76 -5.06
C LYS A 219 -20.50 -12.73 -5.37
N VAL A 220 -19.97 -12.65 -6.59
CA VAL A 220 -18.90 -13.56 -7.00
C VAL A 220 -17.55 -12.87 -6.99
N LYS A 221 -16.56 -13.58 -6.44
CA LYS A 221 -15.19 -13.09 -6.29
C LYS A 221 -14.51 -12.88 -7.63
N PRO A 222 -14.02 -11.65 -7.89
CA PRO A 222 -13.29 -11.39 -9.13
C PRO A 222 -11.82 -11.11 -8.83
N ILE A 223 -11.05 -10.87 -9.88
CA ILE A 223 -9.77 -10.19 -9.72
C ILE A 223 -10.14 -8.73 -9.46
N LEU A 224 -9.51 -8.14 -8.44
CA LEU A 224 -9.72 -6.73 -8.15
C LEU A 224 -8.50 -5.92 -8.58
N HIS A 225 -8.72 -4.62 -8.80
CA HIS A 225 -7.64 -3.69 -9.10
C HIS A 225 -8.15 -2.29 -8.80
N PHE A 226 -7.24 -1.33 -8.84
CA PHE A 226 -7.60 0.07 -8.62
C PHE A 226 -7.83 0.75 -9.95
N ASP A 227 -8.89 1.54 -10.00
CA ASP A 227 -9.27 2.25 -11.18
C ASP A 227 -9.88 3.56 -10.71
N ASN A 228 -9.23 4.66 -11.08
CA ASN A 228 -9.63 5.98 -10.61
C ASN A 228 -9.73 6.04 -9.08
N LYS A 229 -8.70 5.51 -8.42
CA LYS A 229 -8.50 5.69 -6.98
C LYS A 229 -9.32 4.76 -6.09
N VAL A 230 -10.25 4.03 -6.69
CA VAL A 230 -11.08 3.11 -5.92
C VAL A 230 -10.96 1.65 -6.40
N ILE A 231 -11.38 0.73 -5.55
CA ILE A 231 -11.36 -0.70 -5.84
C ILE A 231 -12.55 -1.12 -6.70
N VAL A 232 -12.26 -1.79 -7.81
CA VAL A 232 -13.28 -2.28 -8.72
C VAL A 232 -12.92 -3.65 -9.28
N PRO A 233 -13.92 -4.44 -9.66
CA PRO A 233 -13.60 -5.71 -10.29
C PRO A 233 -12.79 -5.48 -11.57
N PHE A 234 -11.71 -6.24 -11.75
CA PHE A 234 -10.96 -6.13 -12.97
C PHE A 234 -11.49 -7.14 -13.97
N GLU A 235 -11.88 -8.30 -13.47
CA GLU A 235 -12.21 -9.42 -14.34
C GLU A 235 -12.88 -10.55 -13.58
N LYS A 236 -13.86 -11.20 -14.21
CA LYS A 236 -14.55 -12.31 -13.60
C LYS A 236 -13.70 -13.56 -13.75
N ILE A 237 -13.63 -14.32 -12.67
CA ILE A 237 -12.73 -15.46 -12.60
C ILE A 237 -13.43 -16.54 -11.78
N ARG A 238 -13.14 -17.81 -12.09
CA ARG A 238 -13.87 -18.91 -11.51
C ARG A 238 -13.17 -19.51 -10.28
N THR A 239 -11.84 -19.40 -10.26
CA THR A 239 -11.05 -19.97 -9.17
C THR A 239 -9.85 -19.10 -8.90
N ARG A 240 -9.32 -19.21 -7.68
CA ARG A 240 -8.09 -18.52 -7.30
C ARG A 240 -6.93 -18.95 -8.21
N LYS A 241 -6.88 -20.23 -8.53
CA LYS A 241 -5.84 -20.77 -9.39
C LYS A 241 -5.84 -20.04 -10.74
N LYS A 242 -7.03 -19.82 -11.28
CA LYS A 242 -7.16 -19.15 -12.56
C LYS A 242 -6.80 -17.67 -12.46
N ALA A 243 -7.10 -17.07 -11.30
CA ALA A 243 -6.83 -15.67 -11.04
C ALA A 243 -5.32 -15.41 -11.07
N ILE A 244 -4.58 -16.31 -10.44
CA ILE A 244 -3.14 -16.25 -10.38
C ILE A 244 -2.52 -16.37 -11.78
N SER A 245 -3.04 -17.33 -12.54
CA SER A 245 -2.54 -17.58 -13.88
C SER A 245 -2.83 -16.40 -14.81
N ARG A 246 -4.01 -15.79 -14.63
CA ARG A 246 -4.33 -14.61 -15.41
C ARG A 246 -3.36 -13.46 -15.04
N ILE A 247 -3.12 -13.29 -13.75
CA ILE A 247 -2.20 -12.25 -13.27
C ILE A 247 -0.77 -12.45 -13.78
N TYR A 248 -0.33 -13.71 -13.88
CA TYR A 248 0.91 -14.07 -14.55
C TYR A 248 1.00 -13.53 -15.98
N GLU A 249 -0.06 -13.73 -16.76
CA GLU A 249 -0.14 -13.15 -18.10
C GLU A 249 0.05 -11.63 -18.06
N LEU A 250 -0.72 -10.99 -17.17
CA LEU A 250 -0.69 -9.54 -17.00
C LEU A 250 0.71 -9.03 -16.66
N LEU A 251 1.41 -9.79 -15.81
CA LEU A 251 2.77 -9.43 -15.43
C LEU A 251 3.70 -9.59 -16.64
N ASP A 252 3.60 -10.74 -17.29
CA ASP A 252 4.41 -11.00 -18.48
C ASP A 252 4.41 -9.85 -19.50
N GLU A 253 3.29 -9.15 -19.64
CA GLU A 253 3.18 -8.01 -20.55
C GLU A 253 4.27 -6.96 -20.29
N ASP A 254 4.53 -6.67 -19.01
CA ASP A 254 5.60 -5.75 -18.66
C ASP A 254 6.94 -6.45 -18.44
N ALA A 255 6.93 -7.58 -17.73
CA ALA A 255 8.15 -8.32 -17.45
C ALA A 255 8.88 -8.80 -18.72
N SER A 256 8.16 -8.84 -19.83
CA SER A 256 8.72 -9.30 -21.10
C SER A 256 9.53 -8.26 -21.86
N LYS A 257 9.42 -7.01 -21.46
CA LYS A 257 10.16 -5.94 -22.11
C LYS A 257 11.64 -6.01 -21.74
N GLY A 258 11.93 -6.78 -20.69
CA GLY A 258 13.28 -6.96 -20.20
C GLY A 258 13.87 -5.72 -19.55
N LEU A 259 13.02 -4.86 -19.01
CA LEU A 259 13.48 -3.66 -18.30
C LEU A 259 13.39 -3.88 -16.79
N PRO A 260 14.29 -3.26 -16.01
CA PRO A 260 14.35 -3.47 -14.55
C PRO A 260 13.06 -3.09 -13.83
N MET A 261 12.66 -3.94 -12.89
CA MET A 261 11.37 -3.82 -12.23
C MET A 261 11.45 -4.19 -10.76
N ARG A 262 10.47 -3.71 -10.00
CA ARG A 262 10.17 -4.24 -8.68
C ARG A 262 8.82 -4.92 -8.75
N ALA A 263 8.64 -5.95 -7.95
CA ALA A 263 7.39 -6.68 -7.90
C ALA A 263 7.22 -7.26 -6.50
N ALA A 264 5.98 -7.43 -6.09
CA ALA A 264 5.72 -8.00 -4.78
C ALA A 264 4.54 -8.95 -4.82
N VAL A 265 4.72 -10.13 -4.25
CA VAL A 265 3.60 -10.99 -3.98
C VAL A 265 3.16 -10.78 -2.54
N ILE A 266 1.95 -10.25 -2.37
CA ILE A 266 1.43 -9.86 -1.07
C ILE A 266 0.35 -10.85 -0.60
N HIS A 267 0.50 -11.34 0.63
CA HIS A 267 -0.41 -12.32 1.19
C HIS A 267 -1.04 -11.86 2.52
N ALA A 268 -2.23 -12.38 2.82
CA ALA A 268 -2.80 -12.23 4.15
C ALA A 268 -2.76 -13.58 4.86
N ASN A 269 -1.65 -13.84 5.57
CA ASN A 269 -1.39 -15.13 6.21
C ASN A 269 -1.34 -16.31 5.24
N ARG A 270 -0.63 -16.15 4.14
CA ARG A 270 -0.44 -17.21 3.17
C ARG A 270 1.00 -17.14 2.69
N GLU A 271 1.94 -17.18 3.62
CA GLU A 271 3.32 -16.88 3.28
C GLU A 271 3.97 -17.92 2.38
N GLU A 272 3.67 -19.19 2.62
CA GLU A 272 4.23 -20.26 1.79
C GLU A 272 3.73 -20.17 0.35
N GLU A 273 2.44 -19.87 0.19
CA GLU A 273 1.86 -19.72 -1.14
C GLU A 273 2.54 -18.56 -1.90
N ALA A 274 2.71 -17.43 -1.21
CA ALA A 274 3.44 -16.29 -1.76
C ALA A 274 4.88 -16.66 -2.14
N ALA A 275 5.50 -17.50 -1.32
CA ALA A 275 6.89 -17.90 -1.53
C ALA A 275 7.03 -18.83 -2.74
N LYS A 276 6.05 -19.71 -2.95
CA LYS A 276 6.08 -20.57 -4.12
C LYS A 276 5.94 -19.74 -5.39
N ILE A 277 5.04 -18.75 -5.36
CA ILE A 277 4.86 -17.84 -6.49
C ILE A 277 6.15 -17.03 -6.79
N ILE A 278 6.79 -16.51 -5.75
CA ILE A 278 8.02 -15.75 -5.95
C ILE A 278 9.16 -16.66 -6.47
N GLU A 279 9.24 -17.87 -5.92
CA GLU A 279 10.22 -18.85 -6.39
C GLU A 279 10.10 -19.07 -7.90
N GLU A 280 8.87 -19.33 -8.35
CA GLU A 280 8.56 -19.55 -9.76
C GLU A 280 8.68 -18.29 -10.64
N LEU A 281 8.20 -17.16 -10.14
CA LEU A 281 8.25 -15.91 -10.90
C LEU A 281 9.66 -15.32 -11.05
N SER A 282 10.47 -15.38 -9.99
CA SER A 282 11.79 -14.76 -10.04
C SER A 282 12.73 -15.57 -10.94
N ALA A 283 12.57 -16.88 -10.93
CA ALA A 283 13.30 -17.73 -11.87
C ALA A 283 13.05 -17.24 -13.28
N LYS A 284 11.78 -16.96 -13.58
CA LYS A 284 11.34 -16.58 -14.92
C LYS A 284 11.79 -15.16 -15.30
N TYR A 285 12.11 -14.35 -14.31
CA TYR A 285 12.39 -12.94 -14.54
C TYR A 285 13.50 -12.44 -13.64
N PRO A 286 14.75 -12.76 -13.98
CA PRO A 286 15.90 -12.37 -13.15
C PRO A 286 16.07 -10.85 -13.04
N HIS A 287 15.51 -10.13 -14.01
CA HIS A 287 15.59 -8.67 -14.04
C HIS A 287 14.50 -8.01 -13.18
N VAL A 288 13.60 -8.82 -12.64
CA VAL A 288 12.58 -8.32 -11.73
C VAL A 288 12.94 -8.62 -10.27
N GLU A 289 13.13 -7.57 -9.47
CA GLU A 289 13.38 -7.75 -8.04
C GLU A 289 12.08 -8.03 -7.29
N PHE A 290 11.99 -9.21 -6.69
CA PHE A 290 10.76 -9.66 -6.05
C PHE A 290 10.78 -9.51 -4.53
N TYR A 291 9.68 -9.02 -3.96
CA TYR A 291 9.56 -8.88 -2.52
C TYR A 291 8.45 -9.78 -2.01
N ASN A 292 8.71 -10.50 -0.92
CA ASN A 292 7.65 -11.19 -0.25
C ASN A 292 7.07 -10.24 0.80
N SER A 293 5.81 -9.86 0.63
CA SER A 293 5.20 -8.87 1.49
C SER A 293 3.82 -9.34 1.93
N TYR A 294 3.14 -8.55 2.76
CA TYR A 294 1.91 -8.98 3.42
C TYR A 294 0.88 -7.87 3.46
N PHE A 295 -0.37 -8.26 3.70
CA PHE A 295 -1.42 -7.33 4.11
C PHE A 295 -1.42 -7.27 5.65
N GLY A 296 -1.10 -6.11 6.21
CA GLY A 296 -1.03 -5.94 7.65
C GLY A 296 -2.41 -5.82 8.26
N ALA A 297 -2.47 -5.33 9.49
CA ALA A 297 -3.74 -5.24 10.22
C ALA A 297 -4.78 -4.32 9.55
N VAL A 298 -4.35 -3.15 9.10
CA VAL A 298 -5.31 -2.20 8.55
C VAL A 298 -5.88 -2.66 7.21
N ILE A 299 -5.00 -3.12 6.31
CA ILE A 299 -5.44 -3.60 5.01
C ILE A 299 -6.10 -4.98 5.08
N GLY A 300 -5.50 -5.89 5.85
CA GLY A 300 -6.08 -7.20 6.09
C GLY A 300 -7.44 -7.17 6.78
N THR A 301 -7.71 -6.09 7.50
CA THR A 301 -9.03 -5.86 8.07
C THR A 301 -10.06 -5.75 6.95
N HIS A 302 -9.66 -5.23 5.79
CA HIS A 302 -10.60 -5.03 4.69
C HIS A 302 -10.57 -6.17 3.66
N LEU A 303 -9.40 -6.77 3.43
CA LEU A 303 -9.28 -7.89 2.51
C LEU A 303 -9.63 -9.25 3.15
N GLY A 304 -9.31 -9.38 4.44
CA GLY A 304 -9.54 -10.62 5.18
C GLY A 304 -8.45 -11.65 4.93
N GLU A 305 -8.24 -12.53 5.91
CA GLU A 305 -7.24 -13.57 5.75
C GLU A 305 -7.48 -14.35 4.46
N GLY A 306 -6.40 -14.76 3.82
CA GLY A 306 -6.50 -15.55 2.61
C GLY A 306 -6.38 -14.71 1.36
N ALA A 307 -6.40 -13.39 1.53
CA ALA A 307 -6.22 -12.48 0.41
C ALA A 307 -4.81 -12.63 -0.20
N LEU A 308 -4.71 -12.38 -1.50
CA LEU A 308 -3.46 -12.54 -2.23
C LEU A 308 -3.43 -11.58 -3.39
N GLY A 309 -2.26 -11.01 -3.66
CA GLY A 309 -2.11 -10.08 -4.75
C GLY A 309 -0.69 -10.00 -5.25
N ILE A 310 -0.53 -9.45 -6.44
CA ILE A 310 0.77 -9.24 -7.03
C ILE A 310 0.77 -7.85 -7.65
N CYS A 311 1.78 -7.07 -7.33
CA CYS A 311 1.94 -5.74 -7.92
C CYS A 311 3.33 -5.58 -8.52
N TRP A 312 3.52 -4.53 -9.31
CA TRP A 312 4.81 -4.27 -9.92
C TRP A 312 4.91 -2.87 -10.51
N CYS A 313 6.12 -2.50 -10.91
CA CYS A 313 6.42 -1.21 -11.50
C CYS A 313 7.82 -1.25 -12.10
N PHE A 314 8.17 -0.22 -12.87
CA PHE A 314 9.48 -0.13 -13.47
C PHE A 314 10.43 0.66 -12.56
N LYS A 315 11.65 0.14 -12.38
CA LYS A 315 12.62 0.75 -11.46
C LYS A 315 13.05 2.15 -11.89
C1 PLM B . -8.93 3.93 7.00
O1 PLM B . -9.98 3.58 7.86
O2 PLM B . -8.81 5.05 6.66
C2 PLM B . -8.24 2.82 6.20
C3 PLM B . -9.01 2.19 5.05
C4 PLM B . -8.28 1.12 4.24
C5 PLM B . -8.99 0.46 3.07
C6 PLM B . -8.45 -0.89 2.63
C7 PLM B . -9.11 -1.61 1.45
C8 PLM B . -8.27 -1.74 0.19
C9 PLM B . -7.16 -2.77 0.12
CA PLM B . -5.87 -2.36 -0.60
CB PLM B . -5.31 -3.28 -1.68
CC PLM B . -3.89 -3.02 -2.15
CD PLM B . -3.43 -3.74 -3.40
CE PLM B . -2.10 -4.49 -3.41
CF PLM B . -2.01 -5.65 -4.41
CG PLM B . -0.76 -6.51 -4.46
C1 EDO C . -3.67 -0.88 -11.37
O1 EDO C . -3.12 -2.04 -11.94
C2 EDO C . -3.66 -0.76 -9.84
O2 EDO C . -4.46 -1.67 -9.10
BR BR D . -15.41 3.05 -2.25
BR BR E . -10.36 -15.51 -6.27
BR BR F . 3.90 24.33 5.82
BR BR G . 12.67 23.49 8.45
BR BR H . 14.63 14.37 -8.99
BR BR I . 7.41 -0.46 12.70
BR BR J . -17.16 -14.36 -1.02
#